data_6IXQ
#
_entry.id   6IXQ
#
_cell.length_a   93.510
_cell.length_b   93.510
_cell.length_c   204.136
_cell.angle_alpha   90.000
_cell.angle_beta   90.000
_cell.angle_gamma   120.000
#
_symmetry.space_group_name_H-M   'P 32 2 1'
#
loop_
_entity.id
_entity.type
_entity.pdbx_description
1 polymer Myosin-2
2 polymer 'Kinesin-related protein SMY1'
#
loop_
_entity_poly.entity_id
_entity_poly.type
_entity_poly.pdbx_seq_one_letter_code
_entity_poly.pdbx_strand_id
1 'polypeptide(L)'
;SGSGSGSGSGSEFNATQINEELYRLLEDTEILNQEITEGLLKGFEVPDAGVAIQLSKRDVVYPARILIIVLSEMWRFGLT
KQSESFLAQVLTTIQKVVTQLKGNDLIPSGVFWLANVRELYSFVVFALNSILTEETFKNGMTDEEYKEYVSLVTELKDDF
EALSYNIYNIWLKKLQKQLQKKAINAVVISESLPGFSAGETSGANTEEYTMDDILTFFNSIYWCMKSFHIENEVFHAVVT
TLLNYVDAICFNELIMKRNFLSWKRGLQLNYNVTRLEEWCKTHGLTDGTECLQHLIQTAKLLQVRKYTIEDIDILRGICY
SLTPAQLQKLISQYQVADYESPIPQEILRYVADIVKKEAALSSSGNDSKGHEHSSSIFITPETGPFTDPFSLIKTRKFDQ
VEAYIPAWLSLPSTKRIVDLVAQQVVQDGH
;
A
2 'polypeptide(L)' GPGSSSSSIATTGSQESFVARPFKKGLNLHSIKVTSSTPKGSENLYFQ B
#
# COMPACT_ATOMS: atom_id res chain seq x y z
N ASN A 14 -23.57 38.72 -8.61
CA ASN A 14 -23.97 39.38 -7.37
C ASN A 14 -23.56 38.58 -6.14
N ALA A 15 -23.18 39.29 -5.08
CA ALA A 15 -22.87 38.64 -3.80
C ALA A 15 -24.17 38.23 -3.10
N THR A 16 -25.26 38.85 -3.51
CA THR A 16 -26.57 38.57 -2.93
C THR A 16 -27.09 37.21 -3.39
N GLN A 17 -26.56 36.73 -4.52
CA GLN A 17 -27.07 35.52 -5.13
C GLN A 17 -26.03 34.42 -5.27
N ILE A 18 -24.95 34.52 -4.51
CA ILE A 18 -23.92 33.48 -4.54
C ILE A 18 -24.44 32.20 -3.88
N ASN A 19 -24.54 32.24 -2.55
CA ASN A 19 -24.95 31.09 -1.76
C ASN A 19 -26.23 30.45 -2.28
N GLU A 20 -27.11 31.27 -2.85
CA GLU A 20 -28.32 30.79 -3.50
C GLU A 20 -27.98 29.84 -4.66
N GLU A 21 -27.31 30.37 -5.69
CA GLU A 21 -26.93 29.58 -6.85
C GLU A 21 -26.15 28.34 -6.47
N LEU A 22 -25.11 28.54 -5.66
CA LEU A 22 -24.34 27.45 -5.08
C LEU A 22 -25.25 26.37 -4.49
N TYR A 23 -26.23 26.78 -3.69
CA TYR A 23 -27.19 25.85 -3.09
C TYR A 23 -27.86 25.05 -4.20
N ARG A 24 -28.39 25.77 -5.19
CA ARG A 24 -29.10 25.14 -6.30
C ARG A 24 -28.18 24.23 -7.11
N LEU A 25 -26.87 24.39 -6.94
CA LEU A 25 -25.90 23.53 -7.61
C LEU A 25 -25.69 22.25 -6.83
N LEU A 26 -25.65 22.37 -5.50
CA LEU A 26 -25.34 21.24 -4.64
C LEU A 26 -26.58 20.37 -4.45
N GLU A 27 -27.73 20.91 -4.80
CA GLU A 27 -29.01 20.23 -4.61
C GLU A 27 -29.24 19.19 -5.71
N ASP A 28 -28.55 19.35 -6.83
CA ASP A 28 -28.72 18.47 -7.97
C ASP A 28 -27.68 17.35 -7.97
N THR A 29 -28.06 16.21 -7.39
CA THR A 29 -27.14 15.08 -7.28
C THR A 29 -27.27 14.08 -8.43
N GLU A 30 -27.87 14.52 -9.54
CA GLU A 30 -27.91 13.69 -10.73
C GLU A 30 -26.89 14.20 -11.75
N ILE A 31 -26.60 15.49 -11.67
CA ILE A 31 -25.56 16.10 -12.49
C ILE A 31 -24.21 16.03 -11.78
N LEU A 32 -24.20 16.46 -10.53
CA LEU A 32 -22.98 16.51 -9.74
C LEU A 32 -22.38 15.12 -9.56
N ASN A 33 -23.23 14.13 -9.32
CA ASN A 33 -22.76 12.76 -9.14
C ASN A 33 -22.16 12.18 -10.41
N GLN A 34 -22.72 12.55 -11.55
CA GLN A 34 -22.20 12.12 -12.85
C GLN A 34 -20.80 12.69 -13.07
N GLU A 35 -20.66 14.00 -12.91
CA GLU A 35 -19.37 14.66 -13.10
C GLU A 35 -18.32 14.17 -12.12
N ILE A 36 -18.71 14.02 -10.85
CA ILE A 36 -17.77 13.60 -9.82
C ILE A 36 -17.31 12.16 -9.99
N THR A 37 -18.26 11.24 -10.18
CA THR A 37 -17.91 9.82 -10.21
C THR A 37 -17.36 9.38 -11.56
N GLU A 38 -17.86 9.95 -12.64
CA GLU A 38 -17.44 9.53 -13.97
C GLU A 38 -16.29 10.39 -14.50
N GLY A 39 -16.36 11.69 -14.23
CA GLY A 39 -15.36 12.63 -14.74
C GLY A 39 -14.15 12.79 -13.84
N LEU A 40 -14.39 13.09 -12.57
CA LEU A 40 -13.31 13.34 -11.62
C LEU A 40 -12.63 12.05 -11.19
N LEU A 41 -13.43 11.09 -10.72
CA LEU A 41 -12.89 9.87 -10.14
C LEU A 41 -12.41 8.85 -11.18
N LYS A 42 -13.33 8.38 -12.03
CA LYS A 42 -12.98 7.38 -13.04
C LYS A 42 -12.05 7.96 -14.12
N GLY A 43 -12.19 9.25 -14.37
CA GLY A 43 -11.36 9.93 -15.36
C GLY A 43 -10.24 10.70 -14.69
N PHE A 44 -9.48 10.00 -13.84
CA PHE A 44 -8.39 10.61 -13.10
C PHE A 44 -7.07 10.49 -13.87
N GLU A 45 -6.20 11.48 -13.67
CA GLU A 45 -4.89 11.47 -14.31
C GLU A 45 -3.78 11.59 -13.26
N VAL A 46 -2.89 10.61 -13.24
CA VAL A 46 -1.81 10.58 -12.26
C VAL A 46 -0.63 11.42 -12.73
N PRO A 47 -0.13 12.31 -11.87
CA PRO A 47 1.03 13.17 -12.19
C PRO A 47 2.33 12.39 -12.33
N ASP A 48 3.37 13.05 -12.85
CA ASP A 48 4.68 12.43 -13.05
C ASP A 48 5.51 12.41 -11.78
N ALA A 49 5.95 11.23 -11.37
CA ALA A 49 6.82 11.09 -10.20
C ALA A 49 8.28 10.89 -10.62
N VAL A 51 12.53 9.38 -11.43
CA VAL A 51 13.41 9.34 -10.26
C VAL A 51 13.08 10.50 -9.31
N ALA A 52 13.95 11.50 -9.29
CA ALA A 52 13.77 12.65 -8.41
C ALA A 52 12.96 13.75 -9.06
N ILE A 53 11.64 13.67 -8.94
CA ILE A 53 10.74 14.70 -9.45
C ILE A 53 9.88 15.24 -8.31
N GLN A 54 9.96 16.54 -8.07
CA GLN A 54 9.25 17.17 -6.97
C GLN A 54 7.81 17.56 -7.34
N LEU A 55 6.87 17.19 -6.47
CA LEU A 55 5.45 17.49 -6.67
C LEU A 55 4.84 18.14 -5.45
N SER A 56 4.18 19.27 -5.64
CA SER A 56 3.43 19.92 -4.56
C SER A 56 2.24 19.03 -4.21
N LYS A 57 1.78 19.13 -2.96
CA LYS A 57 0.72 18.27 -2.46
C LYS A 57 -0.60 18.51 -3.17
N ARG A 58 -0.74 19.69 -3.80
CA ARG A 58 -1.96 20.06 -4.49
C ARG A 58 -2.07 19.42 -5.88
N ASP A 59 -0.95 18.92 -6.40
CA ASP A 59 -0.95 18.27 -7.71
C ASP A 59 -1.30 16.79 -7.60
N VAL A 60 -1.40 16.30 -6.37
CA VAL A 60 -1.61 14.87 -6.13
C VAL A 60 -3.04 14.56 -5.70
N VAL A 61 -3.50 15.22 -4.65
CA VAL A 61 -4.80 14.91 -4.08
C VAL A 61 -5.91 15.87 -4.52
N TYR A 62 -5.90 16.25 -5.79
CA TYR A 62 -6.90 17.18 -6.29
C TYR A 62 -8.36 16.66 -6.20
N PRO A 63 -8.59 15.35 -6.46
CA PRO A 63 -10.00 14.95 -6.31
C PRO A 63 -10.43 15.00 -4.84
N ALA A 64 -9.50 14.66 -3.94
CA ALA A 64 -9.78 14.74 -2.52
C ALA A 64 -10.16 16.16 -2.11
N ARG A 65 -9.40 17.13 -2.61
CA ARG A 65 -9.66 18.54 -2.32
C ARG A 65 -11.04 18.94 -2.83
N ILE A 66 -11.34 18.59 -4.07
CA ILE A 66 -12.63 18.92 -4.67
C ILE A 66 -13.80 18.32 -3.86
N LEU A 67 -13.69 17.03 -3.57
CA LEU A 67 -14.68 16.32 -2.75
C LEU A 67 -14.87 17.02 -1.41
N ILE A 68 -13.75 17.43 -0.80
CA ILE A 68 -13.79 18.10 0.50
C ILE A 68 -14.55 19.42 0.39
N ILE A 69 -14.32 20.15 -0.70
CA ILE A 69 -15.04 21.41 -0.93
C ILE A 69 -16.55 21.19 -1.05
N VAL A 70 -16.94 20.31 -1.98
CA VAL A 70 -18.35 20.01 -2.22
C VAL A 70 -19.05 19.53 -0.94
N LEU A 71 -18.38 18.64 -0.22
CA LEU A 71 -18.94 18.09 1.02
C LEU A 71 -19.09 19.15 2.10
N SER A 72 -18.08 20.00 2.25
CA SER A 72 -18.12 21.08 3.22
C SER A 72 -19.28 22.03 2.93
N GLU A 73 -19.40 22.43 1.67
CA GLU A 73 -20.47 23.35 1.28
C GLU A 73 -21.85 22.70 1.37
N MET A 74 -21.92 21.37 1.23
CA MET A 74 -23.17 20.66 1.42
C MET A 74 -23.57 20.65 2.89
N TRP A 75 -22.59 20.46 3.75
CA TRP A 75 -22.84 20.46 5.19
C TRP A 75 -23.19 21.85 5.71
N ARG A 76 -22.65 22.87 5.04
CA ARG A 76 -22.95 24.25 5.42
C ARG A 76 -24.42 24.56 5.23
N PHE A 77 -24.98 24.04 4.13
CA PHE A 77 -26.36 24.32 3.76
C PHE A 77 -27.34 23.30 4.34
N GLY A 78 -26.82 22.37 5.13
CA GLY A 78 -27.66 21.37 5.77
C GLY A 78 -28.21 20.31 4.84
N LEU A 79 -27.64 20.24 3.63
CA LEU A 79 -28.04 19.23 2.66
C LEU A 79 -27.50 17.87 3.05
N THR A 80 -28.15 17.24 4.03
CA THR A 80 -27.61 16.03 4.64
C THR A 80 -27.80 14.79 3.77
N LYS A 81 -29.05 14.48 3.42
CA LYS A 81 -29.36 13.28 2.65
C LYS A 81 -28.63 13.26 1.32
N GLN A 82 -28.54 14.43 0.70
CA GLN A 82 -27.88 14.59 -0.60
C GLN A 82 -26.38 14.31 -0.48
N SER A 83 -25.77 14.83 0.58
CA SER A 83 -24.35 14.57 0.83
C SER A 83 -24.14 13.09 1.12
N GLU A 84 -25.13 12.45 1.74
CA GLU A 84 -25.04 11.02 2.06
C GLU A 84 -25.04 10.18 0.78
N SER A 85 -25.93 10.51 -0.16
CA SER A 85 -25.97 9.83 -1.46
C SER A 85 -24.68 10.06 -2.22
N PHE A 86 -24.28 11.33 -2.27
CA PHE A 86 -23.04 11.76 -2.90
C PHE A 86 -21.85 10.93 -2.43
N LEU A 87 -21.65 10.88 -1.12
CA LEU A 87 -20.54 10.16 -0.52
C LEU A 87 -20.65 8.65 -0.73
N ALA A 88 -21.88 8.14 -0.73
CA ALA A 88 -22.07 6.71 -0.99
C ALA A 88 -21.55 6.33 -2.38
N GLN A 89 -21.98 7.10 -3.37
CA GLN A 89 -21.55 6.85 -4.74
C GLN A 89 -20.06 7.12 -4.92
N VAL A 90 -19.52 8.07 -4.16
CA VAL A 90 -18.08 8.36 -4.20
C VAL A 90 -17.28 7.16 -3.68
N LEU A 91 -17.66 6.63 -2.52
CA LEU A 91 -17.02 5.45 -1.95
C LEU A 91 -17.04 4.27 -2.92
N THR A 92 -18.24 3.96 -3.40
CA THR A 92 -18.41 2.86 -4.34
C THR A 92 -17.51 3.04 -5.57
N THR A 93 -17.49 4.26 -6.11
CA THR A 93 -16.69 4.56 -7.29
C THR A 93 -15.20 4.39 -7.03
N ILE A 94 -14.70 4.94 -5.92
CA ILE A 94 -13.27 4.84 -5.60
C ILE A 94 -12.85 3.38 -5.46
N GLN A 95 -13.59 2.62 -4.64
CA GLN A 95 -13.27 1.21 -4.47
C GLN A 95 -13.29 0.46 -5.80
N LYS A 96 -14.28 0.75 -6.63
CA LYS A 96 -14.39 0.11 -7.94
C LYS A 96 -13.19 0.42 -8.82
N VAL A 97 -12.76 1.68 -8.81
CA VAL A 97 -11.62 2.14 -9.60
C VAL A 97 -10.34 1.42 -9.17
N VAL A 98 -10.07 1.39 -7.87
CA VAL A 98 -8.91 0.67 -7.36
C VAL A 98 -8.99 -0.81 -7.74
N THR A 99 -10.19 -1.38 -7.69
CA THR A 99 -10.40 -2.78 -8.03
C THR A 99 -10.02 -3.10 -9.48
N GLN A 100 -10.34 -2.18 -10.40
CA GLN A 100 -10.10 -2.43 -11.81
C GLN A 100 -8.67 -2.14 -12.25
N LEU A 101 -7.84 -1.73 -11.30
CA LEU A 101 -6.43 -1.45 -11.57
C LEU A 101 -5.65 -2.69 -11.98
N LYS A 102 -4.98 -2.61 -13.12
CA LYS A 102 -4.14 -3.71 -13.60
C LYS A 102 -3.07 -3.21 -14.55
N GLY A 103 -2.00 -3.99 -14.70
CA GLY A 103 -0.95 -3.67 -15.63
C GLY A 103 0.09 -2.70 -15.07
N ASN A 104 0.77 -2.02 -15.98
CA ASN A 104 1.90 -1.15 -15.63
C ASN A 104 1.52 -0.01 -14.68
N ASP A 105 0.24 0.35 -14.67
CA ASP A 105 -0.25 1.45 -13.84
C ASP A 105 -0.58 1.00 -12.42
N LEU A 106 -0.41 -0.29 -12.14
CA LEU A 106 -0.80 -0.86 -10.84
C LEU A 106 -0.20 -0.11 -9.66
N ILE A 107 1.10 0.15 -9.73
CA ILE A 107 1.81 0.78 -8.62
C ILE A 107 1.50 2.28 -8.46
N PRO A 108 1.66 3.09 -9.52
CA PRO A 108 1.41 4.52 -9.27
C PRO A 108 -0.05 4.82 -8.92
N SER A 109 -0.98 4.47 -9.81
CA SER A 109 -2.42 4.71 -9.59
C SER A 109 -2.85 4.32 -8.18
N GLY A 110 -2.57 3.07 -7.82
CA GLY A 110 -2.84 2.59 -6.47
C GLY A 110 -2.38 3.57 -5.42
N VAL A 111 -1.08 3.86 -5.41
CA VAL A 111 -0.50 4.78 -4.43
C VAL A 111 -1.28 6.09 -4.46
N PHE A 112 -1.53 6.59 -5.67
CA PHE A 112 -2.28 7.83 -5.88
C PHE A 112 -3.56 7.80 -5.05
N TRP A 113 -4.37 6.77 -5.25
CA TRP A 113 -5.63 6.67 -4.53
C TRP A 113 -5.40 6.54 -3.03
N LEU A 114 -4.40 5.74 -2.66
CA LEU A 114 -4.07 5.56 -1.25
C LEU A 114 -3.78 6.90 -0.59
N ALA A 115 -3.33 7.87 -1.38
CA ALA A 115 -3.11 9.20 -0.85
C ALA A 115 -4.46 9.87 -0.64
N ASN A 116 -5.23 9.96 -1.72
CA ASN A 116 -6.49 10.70 -1.73
C ASN A 116 -7.42 10.30 -0.61
N VAL A 117 -7.77 9.01 -0.59
CA VAL A 117 -8.59 8.44 0.47
C VAL A 117 -8.08 8.89 1.83
N ARG A 118 -6.77 8.72 2.06
CA ARG A 118 -6.19 9.09 3.34
C ARG A 118 -6.48 10.55 3.65
N GLU A 119 -6.24 11.41 2.67
CA GLU A 119 -6.52 12.83 2.81
C GLU A 119 -7.96 13.02 3.28
N LEU A 120 -8.90 12.41 2.56
CA LEU A 120 -10.31 12.49 2.91
C LEU A 120 -10.49 12.14 4.37
N TYR A 121 -9.92 11.01 4.78
CA TYR A 121 -10.09 10.51 6.14
C TYR A 121 -9.73 11.61 7.11
N SER A 122 -8.56 12.22 6.91
CA SER A 122 -8.06 13.26 7.80
C SER A 122 -9.12 14.32 7.99
N PHE A 123 -9.64 14.83 6.86
CA PHE A 123 -10.67 15.85 6.89
C PHE A 123 -11.81 15.46 7.80
N VAL A 124 -12.35 14.26 7.57
CA VAL A 124 -13.50 13.81 8.35
C VAL A 124 -13.15 13.79 9.83
N VAL A 125 -11.96 13.30 10.14
CA VAL A 125 -11.50 13.26 11.53
C VAL A 125 -11.57 14.66 12.10
N PHE A 126 -10.97 15.61 11.38
CA PHE A 126 -10.98 17.01 11.75
C PHE A 126 -12.41 17.46 12.02
N ALA A 127 -13.29 17.15 11.09
CA ALA A 127 -14.70 17.53 11.22
C ALA A 127 -15.24 17.04 12.55
N LEU A 128 -15.03 15.75 12.83
CA LEU A 128 -15.52 15.17 14.06
C LEU A 128 -14.88 15.88 15.25
N ASN A 129 -13.57 16.11 15.16
CA ASN A 129 -12.84 16.76 16.25
C ASN A 129 -13.26 18.20 16.42
N SER A 130 -13.93 18.75 15.42
CA SER A 130 -14.47 20.10 15.53
C SER A 130 -15.82 20.04 16.23
N ILE A 131 -16.59 19.01 15.92
CA ILE A 131 -17.96 18.91 16.42
C ILE A 131 -17.98 18.65 17.92
N LEU A 132 -17.01 17.89 18.41
CA LEU A 132 -17.02 17.46 19.80
C LEU A 132 -16.19 18.38 20.71
N THR A 133 -15.10 18.93 20.19
CA THR A 133 -14.22 19.77 21.00
C THR A 133 -14.72 21.21 21.08
N GLU A 134 -14.95 21.81 19.91
CA GLU A 134 -15.39 23.20 19.86
C GLU A 134 -16.77 23.36 20.47
N GLU A 135 -16.87 24.25 21.45
CA GLU A 135 -18.11 24.45 22.19
C GLU A 135 -19.22 25.03 21.32
N THR A 136 -18.84 25.90 20.39
CA THR A 136 -19.78 26.64 19.56
C THR A 136 -20.76 25.75 18.78
N PHE A 137 -20.30 24.56 18.40
CA PHE A 137 -21.14 23.66 17.63
C PHE A 137 -22.20 22.99 18.51
N LYS A 138 -21.77 22.40 19.62
CA LYS A 138 -22.69 21.74 20.53
C LYS A 138 -23.64 22.74 21.20
N ASN A 139 -23.21 24.00 21.26
CA ASN A 139 -23.99 25.04 21.92
C ASN A 139 -24.92 25.80 20.97
N GLY A 140 -24.54 25.88 19.70
CA GLY A 140 -25.24 26.73 18.76
C GLY A 140 -26.45 26.13 18.05
N MET A 141 -26.70 24.85 18.27
CA MET A 141 -27.82 24.18 17.61
C MET A 141 -28.52 23.18 18.52
N THR A 142 -29.69 22.72 18.09
CA THR A 142 -30.51 21.81 18.87
C THR A 142 -29.78 20.49 19.15
N ASP A 143 -30.14 19.83 20.24
CA ASP A 143 -29.51 18.57 20.62
C ASP A 143 -29.87 17.45 19.63
N GLU A 144 -31.02 17.58 19.00
CA GLU A 144 -31.46 16.61 18.01
C GLU A 144 -30.62 16.70 16.74
N GLU A 145 -30.48 17.93 16.24
CA GLU A 145 -29.67 18.19 15.06
C GLU A 145 -28.20 17.84 15.32
N TYR A 146 -27.72 18.20 16.51
CA TYR A 146 -26.37 17.87 16.94
C TYR A 146 -26.17 16.35 16.95
N LYS A 147 -27.15 15.63 17.48
CA LYS A 147 -27.09 14.17 17.49
C LYS A 147 -27.01 13.63 16.06
N GLU A 148 -27.83 14.19 15.18
CA GLU A 148 -27.83 13.81 13.77
C GLU A 148 -26.46 14.00 13.12
N TYR A 149 -25.88 15.19 13.31
CA TYR A 149 -24.59 15.52 12.72
C TYR A 149 -23.47 14.63 13.26
N VAL A 150 -23.47 14.40 14.56
CA VAL A 150 -22.49 13.51 15.17
C VAL A 150 -22.59 12.12 14.56
N SER A 151 -23.81 11.58 14.53
CA SER A 151 -24.06 10.26 13.94
C SER A 151 -23.55 10.18 12.49
N LEU A 152 -23.89 11.19 11.70
CA LEU A 152 -23.52 11.26 10.29
C LEU A 152 -22.01 11.28 10.09
N VAL A 153 -21.35 12.26 10.71
CA VAL A 153 -19.90 12.42 10.58
C VAL A 153 -19.14 11.20 11.07
N THR A 154 -19.55 10.66 12.22
CA THR A 154 -18.93 9.44 12.75
C THR A 154 -19.04 8.29 11.76
N GLU A 155 -20.25 8.07 11.26
CA GLU A 155 -20.51 7.02 10.28
C GLU A 155 -19.63 7.20 9.04
N LEU A 156 -19.40 8.45 8.66
CA LEU A 156 -18.54 8.77 7.52
C LEU A 156 -17.07 8.46 7.81
N LYS A 157 -16.62 8.80 9.01
CA LYS A 157 -15.26 8.50 9.45
C LYS A 157 -14.99 7.01 9.37
N ASP A 158 -15.89 6.22 9.97
CA ASP A 158 -15.79 4.77 9.89
C ASP A 158 -15.85 4.29 8.43
N ASP A 159 -16.68 4.96 7.63
CA ASP A 159 -16.80 4.63 6.20
C ASP A 159 -15.47 4.73 5.47
N PHE A 160 -14.77 5.84 5.66
CA PHE A 160 -13.46 6.05 5.02
C PHE A 160 -12.40 5.13 5.57
N GLU A 161 -12.47 4.85 6.87
CA GLU A 161 -11.61 3.85 7.48
C GLU A 161 -11.72 2.53 6.70
N ALA A 162 -12.96 2.08 6.51
CA ALA A 162 -13.22 0.83 5.79
C ALA A 162 -12.74 0.91 4.34
N LEU A 163 -12.92 2.07 3.70
CA LEU A 163 -12.47 2.25 2.32
C LEU A 163 -10.95 2.09 2.18
N SER A 164 -10.20 2.80 3.03
CA SER A 164 -8.75 2.73 3.02
C SER A 164 -8.29 1.28 3.24
N TYR A 165 -8.90 0.62 4.22
CA TYR A 165 -8.61 -0.80 4.45
C TYR A 165 -8.78 -1.63 3.17
N ASN A 166 -9.94 -1.43 2.54
CA ASN A 166 -10.27 -2.17 1.33
C ASN A 166 -9.27 -1.96 0.20
N ILE A 167 -9.07 -0.70 -0.21
CA ILE A 167 -8.19 -0.41 -1.33
C ILE A 167 -6.75 -0.80 -1.04
N TYR A 168 -6.32 -0.66 0.22
CA TYR A 168 -4.98 -1.10 0.59
C TYR A 168 -4.86 -2.59 0.33
N ASN A 169 -5.77 -3.37 0.89
CA ASN A 169 -5.66 -4.83 0.73
C ASN A 169 -5.81 -5.32 -0.71
N ILE A 170 -6.65 -4.62 -1.48
CA ILE A 170 -6.84 -4.95 -2.89
C ILE A 170 -5.54 -4.73 -3.66
N TRP A 171 -5.02 -3.51 -3.53
CA TRP A 171 -3.77 -3.10 -4.17
C TRP A 171 -2.62 -4.03 -3.82
N LEU A 172 -2.43 -4.24 -2.52
CA LEU A 172 -1.36 -5.10 -2.02
C LEU A 172 -1.50 -6.52 -2.58
N LYS A 173 -2.74 -7.03 -2.63
CA LYS A 173 -2.96 -8.36 -3.19
C LYS A 173 -2.57 -8.41 -4.67
N LYS A 174 -2.88 -7.35 -5.42
CA LYS A 174 -2.49 -7.29 -6.83
C LYS A 174 -0.97 -7.28 -7.00
N LEU A 175 -0.31 -6.41 -6.21
CA LEU A 175 1.15 -6.35 -6.20
C LEU A 175 1.76 -7.73 -5.94
N GLN A 176 1.20 -8.45 -4.97
CA GLN A 176 1.63 -9.82 -4.71
C GLN A 176 1.42 -10.69 -5.94
N LYS A 177 0.31 -10.49 -6.63
CA LYS A 177 -0.01 -11.33 -7.80
C LYS A 177 1.00 -11.11 -8.93
N GLN A 178 1.56 -9.90 -9.03
CA GLN A 178 2.61 -9.65 -10.02
C GLN A 178 3.97 -10.16 -9.56
N LEU A 179 4.30 -9.92 -8.30
CA LEU A 179 5.55 -10.42 -7.74
C LEU A 179 5.66 -11.93 -7.85
N GLN A 180 4.55 -12.64 -7.73
CA GLN A 180 4.58 -14.09 -7.89
C GLN A 180 4.90 -14.45 -9.34
N LYS A 181 4.57 -13.55 -10.26
CA LYS A 181 4.78 -13.80 -11.69
C LYS A 181 6.21 -13.44 -12.13
N LYS A 182 6.87 -12.57 -11.37
CA LYS A 182 8.24 -12.16 -11.74
C LYS A 182 9.34 -12.79 -10.87
N ALA A 183 9.20 -12.62 -9.55
CA ALA A 183 10.26 -12.91 -8.60
C ALA A 183 10.64 -14.39 -8.48
N ILE A 184 9.74 -15.29 -8.86
CA ILE A 184 10.09 -16.70 -8.81
C ILE A 184 11.21 -16.99 -9.80
N ASN A 185 10.99 -16.63 -11.06
CA ASN A 185 11.98 -16.82 -12.11
C ASN A 185 13.20 -15.92 -11.92
N ALA A 186 12.97 -14.68 -11.48
CA ALA A 186 14.09 -13.76 -11.24
C ALA A 186 15.03 -14.26 -10.13
N VAL A 187 14.47 -14.61 -8.99
CA VAL A 187 15.28 -14.99 -7.83
C VAL A 187 15.84 -16.41 -7.94
N VAL A 188 14.98 -17.37 -8.27
CA VAL A 188 15.39 -18.77 -8.27
C VAL A 188 16.13 -19.17 -9.54
N ILE A 189 15.53 -18.88 -10.69
CA ILE A 189 16.02 -19.40 -11.96
C ILE A 189 17.07 -18.53 -12.64
N SER A 190 16.85 -17.22 -12.64
CA SER A 190 17.77 -16.28 -13.29
C SER A 190 19.18 -16.40 -12.72
N GLU A 191 20.16 -16.54 -13.61
CA GLU A 191 21.56 -16.63 -13.22
C GLU A 191 22.41 -15.54 -13.88
N SER A 192 23.09 -14.76 -13.06
CA SER A 192 23.95 -13.69 -13.55
C SER A 192 25.08 -13.40 -12.56
N LEU A 193 26.18 -14.15 -12.70
CA LEU A 193 27.33 -13.99 -11.81
C LEU A 193 28.47 -13.28 -12.53
N PRO A 194 29.30 -12.55 -11.78
CA PRO A 194 30.44 -11.82 -12.37
C PRO A 194 31.52 -12.74 -12.95
N GLY A 195 31.70 -12.70 -14.26
CA GLY A 195 32.78 -13.41 -14.92
C GLY A 195 32.58 -14.91 -15.06
N PHE A 196 31.37 -15.32 -15.44
CA PHE A 196 31.09 -16.73 -15.65
C PHE A 196 30.73 -17.03 -17.10
N SER A 197 30.66 -16.00 -17.93
CA SER A 197 30.37 -16.15 -19.35
C SER A 197 31.36 -15.38 -20.21
N GLU A 208 10.17 -14.07 -19.00
CA GLU A 208 11.62 -14.17 -18.86
C GLU A 208 12.17 -12.99 -18.08
N TYR A 209 12.02 -13.05 -16.76
CA TYR A 209 12.33 -11.91 -15.89
C TYR A 209 13.65 -12.06 -15.15
N THR A 210 14.31 -10.93 -14.90
CA THR A 210 15.57 -10.88 -14.18
C THR A 210 15.40 -10.13 -12.86
N MET A 211 16.49 -9.99 -12.12
CA MET A 211 16.45 -9.28 -10.84
C MET A 211 16.24 -7.78 -11.04
N ASP A 212 16.69 -7.29 -12.19
CA ASP A 212 16.55 -5.87 -12.53
C ASP A 212 15.08 -5.47 -12.59
N ASP A 213 14.24 -6.40 -13.01
CA ASP A 213 12.81 -6.16 -13.09
C ASP A 213 12.21 -6.02 -11.69
N ILE A 214 12.71 -6.84 -10.77
CA ILE A 214 12.28 -6.79 -9.38
C ILE A 214 12.72 -5.49 -8.72
N LEU A 215 13.98 -5.13 -8.95
CA LEU A 215 14.52 -3.90 -8.42
C LEU A 215 13.77 -2.68 -8.98
N THR A 216 13.38 -2.77 -10.25
CA THR A 216 12.62 -1.69 -10.88
C THR A 216 11.23 -1.61 -10.27
N PHE A 217 10.66 -2.76 -9.95
CA PHE A 217 9.37 -2.85 -9.27
C PHE A 217 9.40 -2.14 -7.91
N PHE A 218 10.30 -2.59 -7.05
CA PHE A 218 10.44 -2.01 -5.72
C PHE A 218 10.83 -0.52 -5.78
N ASN A 219 11.62 -0.14 -6.77
CA ASN A 219 11.99 1.25 -6.95
C ASN A 219 10.79 2.09 -7.36
N SER A 220 9.92 1.50 -8.17
CA SER A 220 8.69 2.16 -8.56
C SER A 220 7.85 2.44 -7.32
N ILE A 221 7.68 1.41 -6.48
CA ILE A 221 6.93 1.61 -5.24
C ILE A 221 7.56 2.71 -4.38
N TYR A 222 8.88 2.68 -4.22
CA TYR A 222 9.58 3.68 -3.41
C TYR A 222 9.37 5.11 -3.93
N TRP A 223 9.68 5.34 -5.19
CA TRP A 223 9.62 6.69 -5.74
C TRP A 223 8.17 7.19 -5.80
N CYS A 224 7.23 6.27 -6.00
CA CYS A 224 5.82 6.66 -5.99
C CYS A 224 5.35 7.08 -4.60
N MET A 225 5.70 6.29 -3.59
CA MET A 225 5.30 6.61 -2.22
C MET A 225 6.06 7.82 -1.66
N LYS A 226 7.21 8.12 -2.27
CA LYS A 226 8.01 9.26 -1.83
C LYS A 226 7.51 10.55 -2.46
N SER A 227 7.30 10.52 -3.78
CA SER A 227 6.88 11.70 -4.53
C SER A 227 5.44 12.10 -4.22
N PHE A 228 4.66 11.17 -3.69
CA PHE A 228 3.26 11.43 -3.37
C PHE A 228 3.01 11.67 -1.88
N HIS A 229 4.09 11.98 -1.16
CA HIS A 229 4.02 12.36 0.25
C HIS A 229 3.29 11.34 1.14
N ILE A 230 3.65 10.07 1.00
CA ILE A 230 3.08 9.01 1.83
C ILE A 230 3.95 8.72 3.05
N GLU A 231 3.31 8.55 4.20
CA GLU A 231 4.03 8.23 5.44
C GLU A 231 4.88 6.97 5.29
N ASN A 232 6.11 7.02 5.80
CA ASN A 232 7.07 5.94 5.58
C ASN A 232 6.71 4.62 6.28
N GLU A 233 5.83 4.69 7.28
CA GLU A 233 5.39 3.48 7.97
C GLU A 233 4.62 2.57 7.02
N VAL A 234 3.85 3.19 6.13
CA VAL A 234 3.10 2.45 5.13
C VAL A 234 4.06 1.76 4.17
N PHE A 235 5.09 2.48 3.75
CA PHE A 235 6.13 1.93 2.89
C PHE A 235 6.78 0.71 3.54
N HIS A 236 7.24 0.90 4.78
CA HIS A 236 7.77 -0.18 5.61
C HIS A 236 6.86 -1.41 5.59
N ALA A 237 5.58 -1.21 5.92
CA ALA A 237 4.61 -2.30 5.96
C ALA A 237 4.51 -3.03 4.62
N VAL A 238 4.20 -2.27 3.57
CA VAL A 238 4.07 -2.81 2.22
C VAL A 238 5.29 -3.64 1.78
N VAL A 239 6.48 -3.05 1.88
CA VAL A 239 7.68 -3.72 1.41
C VAL A 239 7.99 -4.93 2.27
N THR A 240 7.79 -4.83 3.58
CA THR A 240 7.99 -5.98 4.46
C THR A 240 7.09 -7.15 4.05
N THR A 241 5.81 -6.84 3.83
CA THR A 241 4.83 -7.82 3.38
C THR A 241 5.25 -8.50 2.07
N LEU A 242 5.63 -7.67 1.10
CA LEU A 242 6.04 -8.17 -0.21
C LEU A 242 7.31 -9.00 -0.15
N LEU A 243 8.25 -8.61 0.72
CA LEU A 243 9.51 -9.31 0.88
C LEU A 243 9.27 -10.68 1.50
N ASN A 244 8.49 -10.71 2.58
CA ASN A 244 8.11 -11.97 3.21
C ASN A 244 7.42 -12.88 2.19
N TYR A 245 6.57 -12.29 1.36
CA TYR A 245 5.88 -13.04 0.32
C TYR A 245 6.86 -13.67 -0.68
N VAL A 246 7.81 -12.84 -1.15
CA VAL A 246 8.83 -13.30 -2.07
C VAL A 246 9.64 -14.44 -1.46
N ASP A 247 10.08 -14.23 -0.22
CA ASP A 247 10.82 -15.24 0.53
C ASP A 247 10.07 -16.56 0.55
N ALA A 248 8.79 -16.48 0.90
CA ALA A 248 7.95 -17.66 1.00
C ALA A 248 7.83 -18.41 -0.32
N ILE A 249 7.36 -17.72 -1.36
CA ILE A 249 7.11 -18.39 -2.64
C ILE A 249 8.40 -18.93 -3.27
N CYS A 250 9.49 -18.19 -3.11
CA CYS A 250 10.76 -18.61 -3.71
C CYS A 250 11.34 -19.80 -2.95
N PHE A 251 11.20 -19.79 -1.62
CA PHE A 251 11.60 -20.95 -0.83
C PHE A 251 10.78 -22.19 -1.18
N ASN A 252 9.47 -22.02 -1.33
CA ASN A 252 8.58 -23.13 -1.66
C ASN A 252 8.81 -23.61 -3.08
N GLU A 253 9.42 -22.77 -3.91
CA GLU A 253 9.80 -23.17 -5.26
C GLU A 253 11.13 -23.93 -5.24
N LEU A 254 12.05 -23.46 -4.42
CA LEU A 254 13.40 -24.04 -4.33
C LEU A 254 13.42 -25.44 -3.74
N ILE A 255 12.66 -25.65 -2.67
CA ILE A 255 12.73 -26.89 -1.91
C ILE A 255 12.19 -28.08 -2.71
N MET A 256 11.36 -27.79 -3.71
CA MET A 256 10.82 -28.85 -4.56
C MET A 256 11.62 -29.00 -5.86
N LYS A 257 12.59 -28.11 -6.05
CA LYS A 257 13.51 -28.22 -7.18
C LYS A 257 14.44 -29.40 -7.00
N ARG A 258 14.70 -30.11 -8.08
CA ARG A 258 15.65 -31.21 -8.05
C ARG A 258 16.49 -31.20 -9.30
N ASN A 259 17.65 -31.85 -9.24
CA ASN A 259 18.65 -31.75 -10.30
C ASN A 259 18.90 -30.29 -10.60
N PHE A 260 19.03 -29.50 -9.54
CA PHE A 260 19.07 -28.05 -9.67
C PHE A 260 19.80 -27.39 -8.51
N LEU A 261 19.63 -27.94 -7.31
CA LEU A 261 20.24 -27.36 -6.12
C LEU A 261 21.74 -27.64 -6.05
N SER A 262 22.53 -26.83 -6.75
CA SER A 262 23.98 -26.98 -6.76
C SER A 262 24.66 -25.85 -6.00
N TRP A 263 25.97 -25.97 -5.82
CA TRP A 263 26.74 -24.93 -5.14
C TRP A 263 26.70 -23.63 -5.95
N LYS A 264 26.78 -23.76 -7.27
CA LYS A 264 26.71 -22.62 -8.18
C LYS A 264 25.37 -21.90 -7.99
N ARG A 265 24.29 -22.68 -7.92
CA ARG A 265 22.96 -22.12 -7.73
C ARG A 265 22.83 -21.45 -6.37
N GLY A 266 23.50 -22.01 -5.36
CA GLY A 266 23.50 -21.41 -4.04
C GLY A 266 24.19 -20.06 -4.05
N LEU A 267 25.30 -19.99 -4.78
CA LEU A 267 26.05 -18.76 -4.95
C LEU A 267 25.20 -17.69 -5.66
N GLN A 268 24.51 -18.11 -6.71
CA GLN A 268 23.66 -17.21 -7.47
C GLN A 268 22.50 -16.67 -6.61
N LEU A 269 21.85 -17.57 -5.89
CA LEU A 269 20.77 -17.20 -4.98
C LEU A 269 21.25 -16.18 -3.96
N ASN A 270 22.40 -16.49 -3.35
CA ASN A 270 23.01 -15.59 -2.38
C ASN A 270 23.27 -14.22 -2.98
N TYR A 271 23.68 -14.21 -4.24
CA TYR A 271 23.92 -12.97 -4.97
C TYR A 271 22.64 -12.14 -5.10
N ASN A 272 21.58 -12.75 -5.64
CA ASN A 272 20.31 -12.06 -5.82
C ASN A 272 19.74 -11.51 -4.51
N VAL A 273 19.65 -12.39 -3.52
CA VAL A 273 19.22 -12.02 -2.17
C VAL A 273 20.02 -10.84 -1.64
N THR A 274 21.34 -10.89 -1.85
CA THR A 274 22.21 -9.80 -1.42
C THR A 274 21.84 -8.49 -2.11
N ARG A 275 21.51 -8.57 -3.40
CA ARG A 275 21.04 -7.37 -4.11
C ARG A 275 19.82 -6.76 -3.43
N LEU A 276 18.82 -7.61 -3.16
CA LEU A 276 17.61 -7.13 -2.48
C LEU A 276 17.93 -6.48 -1.14
N GLU A 277 18.76 -7.14 -0.34
CA GLU A 277 19.19 -6.60 0.95
C GLU A 277 19.84 -5.23 0.78
N GLU A 278 20.66 -5.09 -0.27
CA GLU A 278 21.31 -3.82 -0.55
C GLU A 278 20.29 -2.73 -0.82
N TRP A 279 19.27 -3.07 -1.61
CA TRP A 279 18.20 -2.11 -1.90
C TRP A 279 17.47 -1.67 -0.62
N CYS A 280 17.17 -2.65 0.24
CA CYS A 280 16.53 -2.37 1.53
C CYS A 280 17.37 -1.42 2.37
N LYS A 281 18.66 -1.74 2.51
CA LYS A 281 19.56 -0.95 3.34
C LYS A 281 19.72 0.46 2.80
N THR A 282 19.84 0.59 1.49
CA THR A 282 20.03 1.91 0.87
C THR A 282 18.72 2.65 0.66
N HIS A 283 17.60 2.05 1.04
CA HIS A 283 16.32 2.75 0.96
C HIS A 283 15.51 2.74 2.26
N GLY A 284 16.22 2.79 3.39
CA GLY A 284 15.58 3.02 4.68
C GLY A 284 15.28 1.78 5.51
N LEU A 285 15.06 0.65 4.82
CA LEU A 285 14.62 -0.56 5.50
C LEU A 285 15.70 -1.20 6.36
N THR A 286 15.41 -1.33 7.64
CA THR A 286 16.32 -1.97 8.58
C THR A 286 15.97 -3.44 8.75
N ASP A 287 14.67 -3.75 8.67
CA ASP A 287 14.19 -5.11 8.89
C ASP A 287 14.04 -5.89 7.58
N GLY A 288 14.87 -5.58 6.60
CA GLY A 288 14.80 -6.24 5.30
C GLY A 288 15.42 -7.62 5.29
N THR A 289 16.37 -7.83 6.20
CA THR A 289 17.10 -9.09 6.27
C THR A 289 16.25 -10.23 6.82
N GLU A 290 15.53 -9.96 7.90
CA GLU A 290 14.73 -10.99 8.57
C GLU A 290 13.62 -11.50 7.68
N CYS A 291 13.22 -10.69 6.70
CA CYS A 291 12.17 -11.07 5.78
C CYS A 291 12.66 -12.14 4.80
N LEU A 292 13.90 -12.00 4.35
CA LEU A 292 14.47 -12.89 3.35
C LEU A 292 15.22 -14.08 3.95
N GLN A 293 15.07 -14.26 5.27
CA GLN A 293 15.89 -15.20 6.02
C GLN A 293 15.98 -16.61 5.45
N HIS A 294 14.85 -17.18 5.05
CA HIS A 294 14.84 -18.55 4.57
C HIS A 294 15.67 -18.72 3.29
N LEU A 295 15.60 -17.73 2.41
CA LEU A 295 16.39 -17.76 1.17
C LEU A 295 17.89 -17.61 1.46
N ILE A 296 18.23 -16.68 2.35
CA ILE A 296 19.62 -16.49 2.77
C ILE A 296 20.21 -17.77 3.33
N GLN A 297 19.52 -18.34 4.32
CA GLN A 297 19.95 -19.57 4.96
C GLN A 297 20.01 -20.73 3.98
N THR A 298 19.11 -20.71 2.99
CA THR A 298 19.10 -21.73 1.95
C THR A 298 20.38 -21.65 1.11
N ALA A 299 20.72 -20.43 0.68
CA ALA A 299 21.93 -20.21 -0.10
C ALA A 299 23.17 -20.62 0.68
N LYS A 300 23.20 -20.21 1.96
CA LYS A 300 24.29 -20.59 2.86
C LYS A 300 24.42 -22.11 2.96
N LEU A 301 23.29 -22.79 3.07
CA LEU A 301 23.27 -24.25 3.13
C LEU A 301 23.85 -24.85 1.85
N LEU A 302 23.47 -24.27 0.71
CA LEU A 302 23.95 -24.77 -0.57
C LEU A 302 25.41 -24.47 -0.83
N GLN A 303 25.97 -23.50 -0.09
CA GLN A 303 27.35 -23.10 -0.33
C GLN A 303 28.36 -23.77 0.60
N VAL A 304 28.05 -23.86 1.88
CA VAL A 304 29.00 -24.37 2.86
C VAL A 304 29.35 -25.84 2.63
N ARG A 305 30.49 -26.26 3.18
CA ARG A 305 30.90 -27.65 3.14
C ARG A 305 29.98 -28.49 4.02
N LYS A 306 29.58 -29.65 3.52
CA LYS A 306 28.69 -30.54 4.25
C LYS A 306 29.25 -31.97 4.28
N TYR A 307 30.55 -32.08 4.51
CA TYR A 307 31.24 -33.37 4.41
C TYR A 307 31.42 -34.06 5.76
N THR A 308 31.43 -33.28 6.85
CA THR A 308 31.60 -33.84 8.19
C THR A 308 30.37 -33.59 9.06
N ILE A 309 30.25 -34.32 10.15
CA ILE A 309 29.15 -34.15 11.09
C ILE A 309 29.21 -32.76 11.74
N GLU A 310 30.44 -32.32 12.02
CA GLU A 310 30.66 -30.99 12.57
C GLU A 310 30.12 -29.92 11.62
N ASP A 311 30.38 -30.10 10.32
CA ASP A 311 29.88 -29.18 9.31
C ASP A 311 28.36 -29.12 9.32
N ILE A 312 27.74 -30.26 9.62
CA ILE A 312 26.28 -30.35 9.70
C ILE A 312 25.74 -29.61 10.91
N ASP A 313 26.43 -29.74 12.04
CA ASP A 313 26.03 -29.02 13.24
C ASP A 313 26.20 -27.51 13.04
N ILE A 314 27.26 -27.13 12.32
CA ILE A 314 27.46 -25.74 11.92
C ILE A 314 26.29 -25.27 11.08
N LEU A 315 25.87 -26.12 10.13
CA LEU A 315 24.73 -25.83 9.28
C LEU A 315 23.47 -25.60 10.10
N ARG A 316 23.29 -26.41 11.14
CA ARG A 316 22.17 -26.24 12.06
C ARG A 316 22.28 -24.91 12.80
N GLY A 317 23.51 -24.52 13.11
CA GLY A 317 23.76 -23.27 13.79
C GLY A 317 23.38 -22.06 12.95
N ILE A 318 23.77 -22.09 11.69
CA ILE A 318 23.49 -20.99 10.77
C ILE A 318 22.02 -20.95 10.37
N CYS A 319 21.48 -22.11 9.98
CA CYS A 319 20.09 -22.19 9.56
C CYS A 319 19.16 -22.42 10.75
N TYR A 320 18.85 -21.36 11.47
CA TYR A 320 17.98 -21.44 12.64
C TYR A 320 16.51 -21.33 12.25
N SER A 321 16.24 -20.63 11.15
CA SER A 321 14.88 -20.45 10.67
C SER A 321 14.39 -21.69 9.93
N LEU A 322 15.31 -22.56 9.54
CA LEU A 322 14.98 -23.77 8.82
C LEU A 322 14.79 -24.96 9.77
N THR A 323 13.70 -25.69 9.58
CA THR A 323 13.40 -26.87 10.38
C THR A 323 14.27 -28.05 9.95
N PRO A 324 14.51 -29.01 10.86
CA PRO A 324 15.31 -30.21 10.54
C PRO A 324 14.81 -30.96 9.30
N ALA A 325 13.50 -31.03 9.11
CA ALA A 325 12.92 -31.69 7.94
C ALA A 325 13.28 -30.94 6.66
N GLN A 326 13.22 -29.62 6.72
CA GLN A 326 13.58 -28.78 5.59
C GLN A 326 15.07 -28.91 5.27
N LEU A 327 15.88 -29.04 6.32
CA LEU A 327 17.31 -29.27 6.15
C LEU A 327 17.54 -30.60 5.44
N GLN A 328 16.79 -31.61 5.86
CA GLN A 328 16.90 -32.94 5.28
C GLN A 328 16.55 -32.91 3.80
N LYS A 329 15.43 -32.28 3.48
CA LYS A 329 14.99 -32.15 2.09
C LYS A 329 16.02 -31.41 1.24
N LEU A 330 16.48 -30.27 1.75
CA LEU A 330 17.46 -29.46 1.04
C LEU A 330 18.74 -30.23 0.75
N ILE A 331 19.29 -30.87 1.78
CA ILE A 331 20.53 -31.63 1.62
C ILE A 331 20.35 -32.83 0.69
N SER A 332 19.21 -33.52 0.81
CA SER A 332 18.97 -34.74 0.06
C SER A 332 18.80 -34.51 -1.44
N GLN A 333 18.58 -33.26 -1.84
CA GLN A 333 18.42 -32.94 -3.25
C GLN A 333 19.53 -32.03 -3.75
N TYR A 334 20.65 -32.03 -3.05
CA TYR A 334 21.82 -31.25 -3.44
C TYR A 334 22.57 -31.93 -4.58
N GLN A 335 22.97 -31.14 -5.58
CA GLN A 335 23.67 -31.67 -6.75
C GLN A 335 25.18 -31.49 -6.65
N VAL A 336 25.89 -32.60 -6.53
CA VAL A 336 27.34 -32.58 -6.47
C VAL A 336 27.93 -32.46 -7.88
N ALA A 337 28.82 -31.49 -8.06
CA ALA A 337 29.42 -31.24 -9.37
C ALA A 337 30.62 -32.14 -9.62
N ASP A 338 31.12 -32.10 -10.85
CA ASP A 338 32.33 -32.84 -11.22
C ASP A 338 33.54 -32.22 -10.53
N TYR A 339 34.40 -33.08 -9.99
CA TYR A 339 35.48 -32.67 -9.10
C TYR A 339 34.91 -31.98 -7.87
N GLU A 340 34.02 -32.71 -7.20
CA GLU A 340 33.48 -32.33 -5.90
C GLU A 340 33.11 -33.60 -5.15
N SER A 341 33.59 -33.71 -3.91
CA SER A 341 33.37 -34.92 -3.11
C SER A 341 31.91 -35.04 -2.66
N PRO A 342 31.24 -36.12 -3.07
CA PRO A 342 29.85 -36.42 -2.71
C PRO A 342 29.64 -36.51 -1.19
N ILE A 343 28.43 -36.16 -0.74
CA ILE A 343 28.12 -36.16 0.68
C ILE A 343 28.05 -37.58 1.24
N PRO A 344 28.84 -37.86 2.29
CA PRO A 344 28.92 -39.18 2.92
C PRO A 344 27.57 -39.73 3.38
N GLN A 345 27.46 -41.04 3.46
CA GLN A 345 26.22 -41.69 3.89
C GLN A 345 26.02 -41.57 5.39
N GLU A 346 27.13 -41.44 6.12
CA GLU A 346 27.10 -41.25 7.56
C GLU A 346 26.40 -39.94 7.88
N ILE A 347 26.65 -38.95 7.03
CA ILE A 347 26.05 -37.63 7.16
C ILE A 347 24.54 -37.68 6.99
N LEU A 348 24.09 -38.31 5.90
CA LEU A 348 22.67 -38.47 5.63
C LEU A 348 21.97 -39.25 6.74
N ARG A 349 22.64 -40.31 7.20
CA ARG A 349 22.13 -41.11 8.32
C ARG A 349 21.96 -40.22 9.55
N TYR A 350 22.94 -39.35 9.79
CA TYR A 350 22.88 -38.42 10.91
C TYR A 350 21.68 -37.49 10.77
N VAL A 351 21.46 -37.00 9.55
CA VAL A 351 20.34 -36.11 9.28
C VAL A 351 19.01 -36.79 9.58
N ALA A 352 18.83 -38.00 9.04
CA ALA A 352 17.62 -38.78 9.29
C ALA A 352 17.42 -39.05 10.78
N ASP A 353 18.52 -39.29 11.49
CA ASP A 353 18.45 -39.49 12.94
C ASP A 353 18.00 -38.21 13.66
N ILE A 354 18.46 -37.06 13.18
CA ILE A 354 18.04 -35.78 13.75
C ILE A 354 16.56 -35.53 13.52
N VAL A 355 16.10 -35.83 12.30
CA VAL A 355 14.70 -35.67 11.96
C VAL A 355 13.82 -36.59 12.82
N LYS A 356 14.27 -37.83 13.00
CA LYS A 356 13.57 -38.77 13.89
C LYS A 356 13.50 -38.22 15.31
N LYS A 357 14.62 -37.67 15.78
CA LYS A 357 14.71 -37.08 17.10
C LYS A 357 13.73 -35.92 17.26
N GLU A 358 13.54 -35.16 16.19
CA GLU A 358 12.63 -34.02 16.22
C GLU A 358 11.18 -34.48 16.17
N ALA A 359 10.93 -35.60 15.49
CA ALA A 359 9.60 -36.20 15.45
C ALA A 359 9.20 -36.73 16.82
N ALA A 360 10.18 -37.25 17.54
CA ALA A 360 9.93 -37.76 18.89
C ALA A 360 9.56 -36.64 19.86
N LEU A 361 10.17 -35.48 19.66
CA LEU A 361 9.92 -34.32 20.52
C LEU A 361 8.52 -33.75 20.33
N SER A 375 3.04 -27.76 10.07
CA SER A 375 3.55 -29.12 10.29
C SER A 375 4.17 -29.71 9.03
N SER A 376 4.09 -28.96 7.93
CA SER A 376 4.64 -29.39 6.65
C SER A 376 5.98 -28.72 6.37
N ILE A 377 6.71 -29.21 5.37
CA ILE A 377 8.02 -28.67 5.02
C ILE A 377 7.92 -27.36 4.24
N PHE A 378 6.69 -26.94 3.94
CA PHE A 378 6.47 -25.72 3.20
C PHE A 378 6.21 -24.52 4.12
N ILE A 379 6.36 -23.33 3.56
CA ILE A 379 6.06 -22.09 4.26
C ILE A 379 4.77 -21.49 3.72
N THR A 380 3.81 -21.21 4.61
CA THR A 380 2.54 -20.64 4.19
C THR A 380 2.68 -19.14 3.91
N PRO A 381 2.57 -18.75 2.63
CA PRO A 381 2.71 -17.34 2.23
C PRO A 381 1.58 -16.48 2.77
N GLU A 382 1.88 -15.22 3.07
CA GLU A 382 0.89 -14.29 3.58
C GLU A 382 0.14 -13.64 2.42
N THR A 383 -1.02 -14.18 2.07
CA THR A 383 -1.81 -13.67 0.94
C THR A 383 -2.77 -12.57 1.37
N GLY A 384 -3.09 -12.52 2.66
CA GLY A 384 -3.98 -11.49 3.19
C GLY A 384 -5.22 -12.05 3.84
N PRO A 385 -6.09 -11.17 4.36
CA PRO A 385 -5.91 -9.71 4.35
C PRO A 385 -4.92 -9.23 5.41
N PHE A 386 -4.51 -7.96 5.30
CA PHE A 386 -3.56 -7.37 6.24
C PHE A 386 -4.18 -6.19 6.97
N THR A 387 -3.61 -5.86 8.12
CA THR A 387 -3.97 -4.65 8.85
C THR A 387 -3.55 -3.42 8.05
N ASP A 388 -4.47 -2.49 7.90
CA ASP A 388 -4.16 -1.21 7.26
C ASP A 388 -3.15 -0.46 8.11
N PRO A 389 -1.96 -0.19 7.56
CA PRO A 389 -0.92 0.55 8.28
C PRO A 389 -1.38 1.96 8.66
N PHE A 390 -2.18 2.58 7.80
CA PHE A 390 -2.72 3.92 8.04
C PHE A 390 -3.51 4.00 9.35
N SER A 391 -4.11 2.88 9.75
CA SER A 391 -4.90 2.85 10.97
C SER A 391 -4.02 2.69 12.20
N LEU A 392 -2.73 2.92 12.04
CA LEU A 392 -1.80 2.84 13.16
C LEU A 392 -1.03 4.16 13.31
N ILE A 393 -1.26 5.07 12.38
CA ILE A 393 -0.56 6.35 12.36
C ILE A 393 -1.48 7.48 12.77
N LYS A 394 -0.97 8.40 13.58
CA LYS A 394 -1.71 9.60 13.95
C LYS A 394 -2.14 10.32 12.67
N THR A 395 -3.45 10.50 12.52
CA THR A 395 -4.02 11.10 11.32
C THR A 395 -3.51 12.51 11.11
N ARG A 396 -3.28 12.86 9.85
CA ARG A 396 -2.76 14.18 9.48
C ARG A 396 -3.66 15.29 9.99
N LYS A 397 -3.06 16.28 10.64
CA LYS A 397 -3.80 17.45 11.09
C LYS A 397 -4.29 18.23 9.87
N PHE A 398 -5.60 18.42 9.77
CA PHE A 398 -6.18 19.07 8.60
C PHE A 398 -5.98 20.58 8.63
N ASP A 399 -5.56 21.12 7.49
CA ASP A 399 -5.41 22.56 7.32
C ASP A 399 -6.36 23.04 6.23
N GLN A 400 -6.65 24.32 6.24
CA GLN A 400 -7.63 24.89 5.31
C GLN A 400 -7.24 24.70 3.85
N VAL A 401 -8.17 24.13 3.09
CA VAL A 401 -7.99 23.86 1.66
C VAL A 401 -8.37 25.08 0.82
N GLU A 402 -7.48 25.50 -0.08
CA GLU A 402 -7.81 26.63 -0.94
C GLU A 402 -8.75 26.21 -2.06
N ALA A 403 -9.73 27.07 -2.33
CA ALA A 403 -10.68 26.84 -3.41
C ALA A 403 -10.01 26.79 -4.77
N TYR A 404 -9.83 25.59 -5.30
CA TYR A 404 -9.22 25.41 -6.61
C TYR A 404 -9.63 24.11 -7.29
N ILE A 405 -9.92 24.21 -8.59
CA ILE A 405 -10.18 23.03 -9.41
C ILE A 405 -9.27 23.05 -10.64
N PRO A 406 -8.53 21.95 -10.86
CA PRO A 406 -7.60 21.79 -11.99
C PRO A 406 -8.21 22.20 -13.33
N ALA A 407 -7.55 23.13 -14.02
CA ALA A 407 -8.10 23.76 -15.22
C ALA A 407 -8.27 22.79 -16.39
N TRP A 408 -7.53 21.69 -16.36
CA TRP A 408 -7.52 20.73 -17.46
C TRP A 408 -8.73 19.79 -17.42
N LEU A 409 -9.51 19.87 -16.36
CA LEU A 409 -10.68 19.01 -16.20
C LEU A 409 -11.87 19.53 -17.00
N SER A 410 -12.76 18.61 -17.35
CA SER A 410 -13.95 18.95 -18.12
C SER A 410 -15.22 18.80 -17.27
N LEU A 411 -15.22 19.43 -16.10
CA LEU A 411 -16.34 19.32 -15.17
C LEU A 411 -16.95 20.70 -14.90
N PRO A 412 -17.98 21.08 -15.68
CA PRO A 412 -18.59 22.41 -15.68
C PRO A 412 -19.21 22.80 -14.34
N SER A 413 -20.14 21.97 -13.86
CA SER A 413 -20.86 22.23 -12.62
C SER A 413 -19.90 22.37 -11.43
N THR A 414 -18.94 21.46 -11.35
CA THR A 414 -17.98 21.47 -10.25
C THR A 414 -17.13 22.74 -10.26
N LYS A 415 -16.70 23.14 -11.46
CA LYS A 415 -15.91 24.35 -11.61
C LYS A 415 -16.73 25.57 -11.18
N ARG A 416 -17.99 25.62 -11.60
CA ARG A 416 -18.89 26.71 -11.22
C ARG A 416 -19.07 26.76 -9.71
N ILE A 417 -19.20 25.59 -9.10
CA ILE A 417 -19.29 25.46 -7.65
C ILE A 417 -18.06 26.07 -6.96
N VAL A 418 -16.87 25.61 -7.33
CA VAL A 418 -15.63 26.11 -6.75
C VAL A 418 -15.47 27.62 -6.92
N ASP A 419 -15.72 28.07 -8.16
CA ASP A 419 -15.61 29.50 -8.48
C ASP A 419 -16.54 30.31 -7.60
N LEU A 420 -17.75 29.82 -7.35
CA LEU A 420 -18.69 30.50 -6.46
C LEU A 420 -18.18 30.49 -5.02
N VAL A 421 -17.63 29.35 -4.60
CA VAL A 421 -17.10 29.17 -3.25
C VAL A 421 -16.01 30.18 -2.93
N ALA A 422 -15.14 30.45 -3.90
CA ALA A 422 -14.08 31.46 -3.74
C ALA A 422 -14.66 32.81 -3.31
N GLN A 423 -15.61 33.31 -4.11
CA GLN A 423 -16.29 34.57 -3.83
C GLN A 423 -17.00 34.53 -2.48
N GLN A 424 -17.54 33.35 -2.15
CA GLN A 424 -18.21 33.16 -0.87
C GLN A 424 -17.26 33.40 0.30
N VAL A 425 -16.09 32.76 0.25
CA VAL A 425 -15.09 32.92 1.30
C VAL A 425 -14.60 34.36 1.37
N VAL A 426 -14.44 35.00 0.21
CA VAL A 426 -14.09 36.42 0.17
C VAL A 426 -15.14 37.26 0.90
N GLN A 427 -16.41 36.91 0.70
CA GLN A 427 -17.52 37.62 1.33
C GLN A 427 -17.48 37.52 2.86
N ASP A 428 -17.19 36.33 3.37
CA ASP A 428 -17.14 36.11 4.82
C ASP A 428 -15.88 36.71 5.45
N PHE B 23 -35.28 25.38 13.16
CA PHE B 23 -34.03 26.00 13.56
C PHE B 23 -32.86 25.05 13.32
N LYS B 24 -32.23 25.17 12.15
CA LYS B 24 -30.97 24.48 11.87
C LYS B 24 -29.89 25.53 11.69
N LYS B 25 -28.88 25.51 12.56
CA LYS B 25 -27.77 26.44 12.47
C LYS B 25 -26.83 26.04 11.35
N GLY B 26 -26.92 24.78 10.91
CA GLY B 26 -26.04 24.27 9.89
C GLY B 26 -24.67 23.95 10.45
N LEU B 27 -23.76 23.50 9.59
CA LEU B 27 -22.40 23.22 10.01
C LEU B 27 -21.40 23.90 9.07
N ASN B 28 -20.92 25.07 9.48
CA ASN B 28 -19.97 25.82 8.68
C ASN B 28 -18.55 25.62 9.18
N LEU B 29 -18.00 24.45 8.88
CA LEU B 29 -16.57 24.21 9.06
C LEU B 29 -15.83 25.07 8.05
N HIS B 30 -15.13 26.08 8.52
CA HIS B 30 -14.42 27.00 7.62
C HIS B 30 -13.23 26.29 7.01
N SER B 31 -13.51 25.35 6.12
CA SER B 31 -12.49 24.50 5.51
C SER B 31 -11.79 25.20 4.36
N ILE B 32 -12.51 26.09 3.69
CA ILE B 32 -12.04 26.65 2.43
C ILE B 32 -11.45 28.06 2.61
N LYS B 33 -10.26 28.27 2.05
CA LYS B 33 -9.57 29.56 2.10
C LYS B 33 -9.39 30.13 0.70
N VAL B 34 -9.08 31.42 0.63
CA VAL B 34 -8.81 32.10 -0.63
C VAL B 34 -7.61 33.02 -0.50
N THR B 35 -6.61 32.82 -1.37
CA THR B 35 -5.41 33.65 -1.36
C THR B 35 -5.18 34.30 -2.72
N SER B 36 -4.89 35.61 -2.72
CA SER B 36 -4.60 36.34 -3.94
C SER B 36 -3.21 36.95 -3.86
N SER B 37 -2.38 36.72 -4.88
CA SER B 37 -1.01 37.21 -4.88
C SER B 37 -0.93 38.70 -5.22
#